data_4DS3
#
_entry.id   4DS3
#
_cell.length_a   55.595
_cell.length_b   134.063
_cell.length_c   56.663
_cell.angle_alpha   90.000
_cell.angle_beta   90.000
_cell.angle_gamma   90.000
#
_symmetry.space_group_name_H-M   'C 2 2 21'
#
loop_
_entity.id
_entity.type
_entity.pdbx_description
1 polymer 'Phosphoribosylglycinamide formyltransferase'
2 non-polymer 'SULFATE ION'
3 non-polymer 'CHLORIDE ION'
4 non-polymer GLYCEROL
5 water water
#
_entity_poly.entity_id   1
_entity_poly.type   'polypeptide(L)'
_entity_poly.pdbx_seq_one_letter_code
;GPGSMKRNRVVIFISGGGSNMEALIRAAQAPGFPAEIVAVFSDKAEAGGLAKAEAAGIATQVFKRKDFASKEAHEDAILA
ALDVLKPDIICLAGYMRLLSGRFIAPYEGRILNIHPSLLPLFPGLHTHQRALDAGMKLAGCTVHLVTEGMDEGPILAQAA
VPVLDGDTAETLAARVLKAEHRLYPLALQKFAAGEKASNQFSDGMVLSA
;
_entity_poly.pdbx_strand_id   A
#
loop_
_chem_comp.id
_chem_comp.type
_chem_comp.name
_chem_comp.formula
CL non-polymer 'CHLORIDE ION' 'Cl -1'
GOL non-polymer GLYCEROL 'C3 H8 O3'
SO4 non-polymer 'SULFATE ION' 'O4 S -2'
#
# COMPACT_ATOMS: atom_id res chain seq x y z
N LYS A 6 -8.85 -22.27 1.01
CA LYS A 6 -9.20 -21.01 1.73
C LYS A 6 -8.23 -19.85 1.36
N ARG A 7 -8.79 -18.75 0.83
CA ARG A 7 -8.02 -17.52 0.46
C ARG A 7 -7.45 -16.79 1.69
N ASN A 8 -6.32 -16.12 1.52
CA ASN A 8 -5.78 -15.25 2.56
C ASN A 8 -6.67 -14.05 2.83
N ARG A 9 -7.02 -13.80 4.09
CA ARG A 9 -7.87 -12.65 4.42
C ARG A 9 -6.94 -11.42 4.57
N VAL A 10 -7.28 -10.36 3.83
CA VAL A 10 -6.50 -9.11 3.80
C VAL A 10 -7.26 -7.90 4.33
N VAL A 11 -6.57 -7.08 5.16
CA VAL A 11 -7.17 -5.80 5.52
C VAL A 11 -6.28 -4.73 4.92
N ILE A 12 -6.87 -3.79 4.19
CA ILE A 12 -6.08 -2.74 3.53
C ILE A 12 -6.23 -1.49 4.37
N PHE A 13 -5.13 -0.75 4.62
CA PHE A 13 -5.20 0.59 5.26
C PHE A 13 -4.95 1.69 4.25
N ILE A 14 -5.75 2.78 4.40
CA ILE A 14 -5.63 3.94 3.50
C ILE A 14 -5.80 5.22 4.33
N SER A 15 -5.37 6.31 3.74
CA SER A 15 -5.72 7.61 4.33
C SER A 15 -6.29 8.55 3.26
N GLY A 16 -6.18 8.16 1.98
CA GLY A 16 -6.59 9.03 0.89
C GLY A 16 -7.45 8.38 -0.14
N GLY A 17 -7.19 8.70 -1.42
CA GLY A 17 -8.17 8.38 -2.47
C GLY A 17 -8.29 6.88 -2.72
N GLY A 18 -7.29 6.11 -2.32
CA GLY A 18 -7.39 4.63 -2.39
C GLY A 18 -7.15 4.02 -3.78
N SER A 19 -6.35 4.67 -4.62
CA SER A 19 -6.08 4.12 -5.99
C SER A 19 -5.53 2.68 -5.95
N ASN A 20 -4.47 2.50 -5.17
CA ASN A 20 -3.88 1.14 -4.99
C ASN A 20 -4.81 0.20 -4.22
N MET A 21 -5.56 0.72 -3.26
CA MET A 21 -6.57 -0.08 -2.56
C MET A 21 -7.55 -0.67 -3.60
N GLU A 22 -8.00 0.20 -4.51
CA GLU A 22 -8.98 -0.20 -5.50
C GLU A 22 -8.34 -1.19 -6.48
N ALA A 23 -7.07 -0.99 -6.83
CA ALA A 23 -6.40 -2.02 -7.64
C ALA A 23 -6.37 -3.43 -6.99
N LEU A 24 -6.06 -3.48 -5.70
CA LEU A 24 -6.08 -4.73 -4.91
C LEU A 24 -7.48 -5.37 -4.87
N ILE A 25 -8.48 -4.54 -4.64
CA ILE A 25 -9.89 -5.03 -4.59
C ILE A 25 -10.26 -5.59 -5.95
N ARG A 26 -9.90 -4.88 -7.01
CA ARG A 26 -10.20 -5.37 -8.37
C ARG A 26 -9.49 -6.69 -8.70
N ALA A 27 -8.21 -6.75 -8.40
CA ALA A 27 -7.44 -8.00 -8.71
C ALA A 27 -8.00 -9.18 -7.93
N ALA A 28 -8.42 -8.95 -6.69
CA ALA A 28 -8.93 -10.03 -5.82
C ALA A 28 -10.30 -10.56 -6.27
N GLN A 29 -10.98 -9.90 -7.21
CA GLN A 29 -12.28 -10.41 -7.61
C GLN A 29 -12.07 -11.66 -8.51
N ALA A 30 -10.90 -11.77 -9.12
CA ALA A 30 -10.67 -12.87 -10.13
C ALA A 30 -10.79 -14.28 -9.53
N PRO A 31 -11.37 -15.25 -10.29
CA PRO A 31 -11.36 -16.61 -9.79
C PRO A 31 -9.92 -17.03 -9.50
N GLY A 32 -9.70 -17.69 -8.36
CA GLY A 32 -8.47 -18.37 -8.04
C GLY A 32 -7.44 -17.42 -7.48
N PHE A 33 -7.78 -16.13 -7.36
CA PHE A 33 -6.87 -15.15 -6.72
C PHE A 33 -6.70 -15.57 -5.22
N PRO A 34 -5.44 -15.64 -4.70
CA PRO A 34 -5.32 -16.32 -3.39
C PRO A 34 -5.52 -15.45 -2.17
N ALA A 35 -6.27 -14.36 -2.32
CA ALA A 35 -6.50 -13.48 -1.16
C ALA A 35 -7.94 -12.92 -1.32
N GLU A 36 -8.60 -12.65 -0.21
CA GLU A 36 -9.82 -11.83 -0.29
C GLU A 36 -9.72 -10.57 0.57
N ILE A 37 -10.33 -9.48 0.10
CA ILE A 37 -10.23 -8.26 0.85
C ILE A 37 -11.37 -8.25 1.87
N VAL A 38 -11.04 -8.41 3.14
CA VAL A 38 -12.15 -8.41 4.12
C VAL A 38 -12.54 -7.06 4.75
N ALA A 39 -11.69 -6.05 4.65
CA ALA A 39 -12.04 -4.74 5.16
C ALA A 39 -11.02 -3.72 4.69
N VAL A 40 -11.43 -2.47 4.68
CA VAL A 40 -10.52 -1.33 4.47
C VAL A 40 -10.67 -0.45 5.72
N PHE A 41 -9.53 -0.17 6.35
CA PHE A 41 -9.44 0.74 7.50
C PHE A 41 -8.80 2.08 7.09
N SER A 42 -9.29 3.16 7.70
CA SER A 42 -8.76 4.49 7.45
C SER A 42 -8.66 5.25 8.76
N ASP A 43 -7.67 6.11 8.81
CA ASP A 43 -7.56 7.05 9.92
C ASP A 43 -8.30 8.38 9.58
N LYS A 44 -8.90 8.46 8.38
CA LYS A 44 -9.58 9.71 7.94
C LYS A 44 -10.99 9.38 7.37
N ALA A 45 -12.03 10.05 7.89
CA ALA A 45 -13.36 9.78 7.37
C ALA A 45 -13.50 10.34 5.97
N GLU A 46 -12.63 11.29 5.60
CA GLU A 46 -12.84 11.97 4.31
C GLU A 46 -12.08 11.21 3.20
N ALA A 47 -11.32 10.18 3.57
CA ALA A 47 -10.57 9.38 2.57
C ALA A 47 -11.45 8.89 1.46
N GLY A 48 -11.19 9.33 0.23
CA GLY A 48 -11.98 8.91 -0.96
C GLY A 48 -12.07 7.40 -1.22
N GLY A 49 -11.09 6.66 -0.70
CA GLY A 49 -11.07 5.17 -0.86
C GLY A 49 -12.21 4.46 -0.14
N LEU A 50 -12.74 5.06 0.92
CA LEU A 50 -13.80 4.44 1.65
C LEU A 50 -15.05 4.25 0.83
N ALA A 51 -15.46 5.29 0.12
CA ALA A 51 -16.67 5.23 -0.72
C ALA A 51 -16.47 4.17 -1.78
N LYS A 52 -15.25 4.10 -2.31
CA LYS A 52 -14.95 3.11 -3.34
C LYS A 52 -15.05 1.71 -2.79
N ALA A 53 -14.50 1.48 -1.60
CA ALA A 53 -14.57 0.15 -0.93
C ALA A 53 -16.04 -0.26 -0.69
N GLU A 54 -16.80 0.68 -0.13
CA GLU A 54 -18.25 0.46 0.15
C GLU A 54 -19.00 0.10 -1.11
N ALA A 55 -18.74 0.80 -2.21
CA ALA A 55 -19.45 0.47 -3.46
C ALA A 55 -19.12 -0.94 -3.98
N ALA A 56 -17.91 -1.45 -3.67
CA ALA A 56 -17.52 -2.80 -4.09
C ALA A 56 -17.91 -3.85 -3.03
N GLY A 57 -18.64 -3.41 -2.01
CA GLY A 57 -19.14 -4.29 -0.97
C GLY A 57 -18.14 -4.75 0.09
N ILE A 58 -17.11 -3.95 0.37
CA ILE A 58 -16.09 -4.30 1.39
C ILE A 58 -16.41 -3.53 2.68
N ALA A 59 -16.43 -4.19 3.83
CA ALA A 59 -16.65 -3.52 5.10
C ALA A 59 -15.56 -2.44 5.30
N THR A 60 -15.89 -1.30 5.93
CA THR A 60 -14.93 -0.22 6.19
C THR A 60 -14.98 0.22 7.63
N GLN A 61 -13.86 0.72 8.13
CA GLN A 61 -13.78 1.13 9.51
C GLN A 61 -12.90 2.39 9.58
N VAL A 62 -13.34 3.41 10.29
CA VAL A 62 -12.52 4.61 10.53
C VAL A 62 -12.13 4.70 12.02
N PHE A 63 -10.86 4.89 12.32
CA PHE A 63 -10.42 5.17 13.68
C PHE A 63 -9.63 6.48 13.57
N LYS A 64 -10.20 7.59 14.07
CA LYS A 64 -9.50 8.91 13.97
C LYS A 64 -8.53 9.02 15.17
N ARG A 65 -7.29 9.46 14.92
CA ARG A 65 -6.32 9.65 16.03
C ARG A 65 -6.89 10.55 17.09
N LYS A 66 -7.58 11.64 16.66
CA LYS A 66 -8.15 12.65 17.60
C LYS A 66 -9.16 12.06 18.52
N ASP A 67 -9.67 10.86 18.25
CA ASP A 67 -10.68 10.27 19.16
C ASP A 67 -10.15 9.44 20.33
N PHE A 68 -8.81 9.38 20.42
CA PHE A 68 -8.12 8.67 21.49
C PHE A 68 -7.17 9.56 22.26
N ALA A 69 -6.91 9.16 23.49
CA ALA A 69 -6.14 9.94 24.45
C ALA A 69 -4.64 9.82 24.16
N SER A 70 -4.26 8.85 23.29
CA SER A 70 -2.85 8.72 22.98
C SER A 70 -2.72 7.90 21.75
N LYS A 71 -1.51 7.89 21.15
CA LYS A 71 -1.29 7.04 19.96
C LYS A 71 -1.45 5.51 20.29
N GLU A 72 -1.02 5.15 21.48
CA GLU A 72 -1.17 3.76 21.93
C GLU A 72 -2.62 3.38 21.99
N ALA A 73 -3.47 4.22 22.56
CA ALA A 73 -4.94 3.89 22.57
C ALA A 73 -5.57 3.80 21.17
N HIS A 74 -5.09 4.64 20.27
CA HIS A 74 -5.46 4.54 18.88
C HIS A 74 -5.01 3.19 18.29
N GLU A 75 -3.73 2.78 18.47
CA GLU A 75 -3.29 1.49 17.90
C GLU A 75 -3.99 0.34 18.58
N ASP A 76 -4.28 0.51 19.88
CA ASP A 76 -4.99 -0.52 20.59
C ASP A 76 -6.40 -0.79 20.01
N ALA A 77 -7.12 0.28 19.65
CA ALA A 77 -8.47 0.14 19.11
C ALA A 77 -8.32 -0.56 17.76
N ILE A 78 -7.34 -0.12 16.98
CA ILE A 78 -7.15 -0.74 15.65
C ILE A 78 -6.84 -2.22 15.76
N LEU A 79 -5.96 -2.61 16.70
CA LEU A 79 -5.56 -4.02 16.84
C LEU A 79 -6.74 -4.88 17.27
N ALA A 80 -7.60 -4.31 18.13
CA ALA A 80 -8.72 -5.09 18.67
C ALA A 80 -9.69 -5.35 17.50
N ALA A 81 -9.89 -4.30 16.68
CA ALA A 81 -10.77 -4.34 15.49
C ALA A 81 -10.20 -5.36 14.47
N LEU A 82 -8.86 -5.31 14.28
CA LEU A 82 -8.23 -6.30 13.39
C LEU A 82 -8.48 -7.67 13.88
N ASP A 83 -8.41 -7.84 15.18
CA ASP A 83 -8.52 -9.20 15.71
C ASP A 83 -9.85 -9.88 15.39
N VAL A 84 -10.92 -9.09 15.37
CA VAL A 84 -12.23 -9.63 15.05
C VAL A 84 -12.29 -10.04 13.54
N LEU A 85 -11.53 -9.38 12.68
CA LEU A 85 -11.47 -9.76 11.28
C LEU A 85 -10.48 -10.86 10.99
N LYS A 86 -9.57 -11.20 11.93
CA LYS A 86 -8.65 -12.33 11.66
C LYS A 86 -7.90 -12.16 10.31
N PRO A 87 -7.28 -11.01 10.09
CA PRO A 87 -6.51 -10.97 8.81
C PRO A 87 -5.29 -11.88 8.85
N ASP A 88 -4.95 -12.41 7.68
CA ASP A 88 -3.68 -13.10 7.46
C ASP A 88 -2.59 -12.16 6.95
N ILE A 89 -3.01 -11.08 6.30
CA ILE A 89 -2.09 -10.16 5.63
C ILE A 89 -2.72 -8.77 5.79
N ILE A 90 -1.86 -7.81 6.09
CA ILE A 90 -2.31 -6.43 6.16
C ILE A 90 -1.59 -5.67 5.06
N CYS A 91 -2.33 -4.97 4.17
CA CYS A 91 -1.65 -4.17 3.11
C CYS A 91 -1.80 -2.64 3.36
N LEU A 92 -0.69 -1.90 3.47
CA LEU A 92 -0.82 -0.42 3.62
C LEU A 92 -0.79 0.12 2.20
N ALA A 93 -1.75 0.98 1.89
CA ALA A 93 -1.89 1.48 0.53
C ALA A 93 -2.19 3.01 0.68
N GLY A 94 -1.15 3.79 1.05
CA GLY A 94 -1.24 5.27 1.22
C GLY A 94 -1.69 5.59 2.66
N TYR A 95 -1.47 4.68 3.58
CA TYR A 95 -1.80 4.99 4.99
C TYR A 95 -0.72 5.91 5.55
N MET A 96 -1.12 7.01 6.14
CA MET A 96 -0.15 8.04 6.49
C MET A 96 0.30 8.15 7.94
N ARG A 97 0.33 7.05 8.68
CA ARG A 97 0.65 7.08 10.07
C ARG A 97 1.74 6.07 10.22
N LEU A 98 2.65 6.32 11.15
CA LEU A 98 3.74 5.35 11.42
C LEU A 98 3.21 4.25 12.37
N LEU A 99 3.46 3.00 12.05
CA LEU A 99 3.10 1.89 12.94
C LEU A 99 4.22 1.65 13.96
N SER A 100 3.90 1.59 15.24
CA SER A 100 4.89 1.25 16.27
C SER A 100 5.33 -0.24 16.12
N GLY A 101 6.50 -0.56 16.66
CA GLY A 101 6.97 -1.96 16.72
C GLY A 101 5.96 -2.80 17.47
N ARG A 102 5.35 -2.15 18.45
CA ARG A 102 4.35 -2.81 19.22
C ARG A 102 3.14 -3.20 18.40
N PHE A 103 2.75 -2.35 17.49
CA PHE A 103 1.64 -2.67 16.58
C PHE A 103 2.07 -3.75 15.57
N ILE A 104 3.28 -3.63 15.07
CA ILE A 104 3.76 -4.60 14.11
C ILE A 104 3.92 -6.05 14.64
N ALA A 105 4.27 -6.21 15.93
CA ALA A 105 4.61 -7.52 16.52
C ALA A 105 3.61 -8.63 16.25
N PRO A 106 2.30 -8.40 16.52
CA PRO A 106 1.32 -9.46 16.28
C PRO A 106 1.18 -9.80 14.80
N TYR A 107 1.66 -8.93 13.89
CA TYR A 107 1.57 -9.19 12.46
C TYR A 107 2.96 -9.23 11.84
N GLU A 108 3.96 -9.63 12.62
CA GLU A 108 5.33 -9.63 12.11
C GLU A 108 5.47 -10.41 10.87
N GLY A 109 6.05 -9.82 9.84
CA GLY A 109 6.20 -10.53 8.57
C GLY A 109 4.95 -10.58 7.69
N ARG A 110 3.85 -9.95 8.14
CA ARG A 110 2.54 -10.07 7.46
C ARG A 110 1.96 -8.71 7.02
N ILE A 111 2.75 -7.65 7.17
CA ILE A 111 2.32 -6.29 6.86
C ILE A 111 3.13 -5.88 5.64
N LEU A 112 2.40 -5.48 4.60
CA LEU A 112 3.07 -5.08 3.34
C LEU A 112 2.83 -3.58 3.15
N ASN A 113 3.67 -2.92 2.32
CA ASN A 113 3.49 -1.52 2.06
C ASN A 113 4.00 -1.32 0.65
N ILE A 114 3.41 -0.36 -0.04
CA ILE A 114 3.90 0.02 -1.39
C ILE A 114 4.48 1.41 -1.27
N HIS A 115 5.59 1.62 -1.94
CA HIS A 115 6.25 2.96 -1.92
C HIS A 115 6.65 3.35 -3.31
N PRO A 116 6.34 4.59 -3.73
CA PRO A 116 6.58 4.92 -5.16
C PRO A 116 8.02 5.38 -5.48
N SER A 117 8.99 4.58 -5.07
CA SER A 117 10.38 4.71 -5.57
C SER A 117 11.00 3.32 -5.75
N LEU A 118 12.19 3.26 -6.31
CA LEU A 118 12.96 2.01 -6.35
C LEU A 118 13.82 1.98 -5.11
N LEU A 119 13.25 1.58 -3.99
CA LEU A 119 14.02 1.46 -2.75
C LEU A 119 15.34 0.63 -2.94
N PRO A 120 16.43 1.01 -2.25
CA PRO A 120 16.45 2.00 -1.16
C PRO A 120 16.55 3.50 -1.58
N LEU A 121 16.44 3.83 -2.87
CA LEU A 121 16.39 5.25 -3.30
C LEU A 121 15.13 5.92 -2.79
N PHE A 122 15.27 7.18 -2.36
CA PHE A 122 14.13 8.04 -2.07
C PHE A 122 13.09 7.41 -1.17
N PRO A 123 13.49 7.01 0.05
CA PRO A 123 12.53 6.28 0.92
C PRO A 123 11.44 7.18 1.60
N GLY A 124 11.60 8.47 1.51
CA GLY A 124 10.62 9.39 2.12
C GLY A 124 9.69 9.98 1.08
N LEU A 125 9.54 11.32 1.03
CA LEU A 125 8.53 11.99 0.20
C LEU A 125 9.09 12.49 -1.14
N HIS A 126 8.20 13.04 -1.98
CA HIS A 126 8.60 13.64 -3.30
C HIS A 126 9.43 12.72 -4.19
N THR A 127 9.10 11.44 -4.22
CA THR A 127 9.95 10.50 -4.89
C THR A 127 10.09 10.81 -6.40
N HIS A 128 9.04 11.30 -7.04
CA HIS A 128 9.10 11.53 -8.49
C HIS A 128 9.92 12.74 -8.82
N GLN A 129 9.74 13.84 -8.07
CA GLN A 129 10.57 14.98 -8.29
C GLN A 129 12.04 14.60 -8.06
N ARG A 130 12.31 13.84 -7.00
CA ARG A 130 13.68 13.44 -6.68
C ARG A 130 14.38 12.62 -7.79
N ALA A 131 13.64 11.69 -8.38
CA ALA A 131 14.15 10.94 -9.55
C ALA A 131 14.50 11.91 -10.70
N LEU A 132 13.63 12.89 -10.99
CA LEU A 132 13.89 13.87 -12.06
C LEU A 132 15.07 14.73 -11.69
N ASP A 133 15.13 15.16 -10.43
CA ASP A 133 16.29 16.00 -10.01
C ASP A 133 17.64 15.24 -10.15
N ALA A 134 17.64 13.90 -9.95
CA ALA A 134 18.85 13.07 -10.08
C ALA A 134 19.08 12.73 -11.56
N GLY A 135 18.18 13.20 -12.44
CA GLY A 135 18.31 12.95 -13.91
C GLY A 135 18.13 11.48 -14.33
N MET A 136 17.36 10.71 -13.54
CA MET A 136 17.25 9.28 -13.78
C MET A 136 16.37 9.06 -15.01
N LYS A 137 16.62 7.98 -15.73
CA LYS A 137 15.78 7.66 -16.91
C LYS A 137 14.78 6.54 -16.71
N LEU A 138 14.75 6.00 -15.50
CA LEU A 138 13.82 4.93 -15.05
C LEU A 138 13.41 5.31 -13.66
N ALA A 139 12.13 4.96 -13.32
CA ALA A 139 11.69 5.15 -11.93
C ALA A 139 10.72 4.05 -11.67
N GLY A 140 10.13 4.02 -10.50
CA GLY A 140 9.22 2.87 -10.27
C GLY A 140 8.77 2.81 -8.86
N CYS A 141 8.40 1.61 -8.44
CA CYS A 141 7.76 1.43 -7.17
C CYS A 141 8.18 0.13 -6.50
N THR A 142 7.94 0.00 -5.18
CA THR A 142 8.43 -1.15 -4.40
C THR A 142 7.37 -1.62 -3.41
N VAL A 143 7.13 -2.91 -3.34
CA VAL A 143 6.33 -3.44 -2.27
C VAL A 143 7.33 -4.10 -1.29
N HIS A 144 7.23 -3.80 0.02
CA HIS A 144 8.14 -4.35 0.97
C HIS A 144 7.39 -4.75 2.22
N LEU A 145 8.05 -5.49 3.10
CA LEU A 145 7.43 -5.80 4.42
C LEU A 145 7.73 -4.69 5.37
N VAL A 146 6.82 -4.44 6.28
CA VAL A 146 7.01 -3.38 7.22
C VAL A 146 7.51 -4.05 8.50
N THR A 147 8.59 -3.52 9.09
CA THR A 147 9.25 -4.23 10.24
C THR A 147 9.44 -3.55 11.60
N GLU A 148 9.34 -4.37 12.68
CA GLU A 148 9.81 -4.03 14.01
C GLU A 148 11.33 -4.14 13.98
N ASP A 151 12.40 2.76 9.72
CA ASP A 151 12.08 2.40 8.32
C ASP A 151 12.85 1.22 7.67
N GLU A 152 12.06 0.32 7.00
CA GLU A 152 12.43 -0.46 5.77
C GLU A 152 12.61 -1.99 5.72
N GLY A 153 11.53 -2.79 5.75
CA GLY A 153 11.72 -4.22 5.80
C GLY A 153 12.04 -4.80 4.45
N PRO A 154 12.26 -6.13 4.38
CA PRO A 154 12.65 -6.81 3.16
C PRO A 154 11.78 -6.47 1.94
N ILE A 155 12.46 -6.10 0.86
CA ILE A 155 11.74 -5.82 -0.43
C ILE A 155 11.12 -7.11 -0.98
N LEU A 156 9.85 -7.09 -1.38
CA LEU A 156 9.19 -8.21 -1.98
C LEU A 156 9.13 -8.13 -3.51
N ALA A 157 9.02 -6.92 -4.07
CA ALA A 157 8.76 -6.80 -5.55
C ALA A 157 9.05 -5.39 -5.93
N GLN A 158 9.46 -5.19 -7.16
CA GLN A 158 9.68 -3.86 -7.69
C GLN A 158 9.32 -3.79 -9.14
N ALA A 159 8.95 -2.59 -9.58
CA ALA A 159 8.63 -2.32 -10.99
C ALA A 159 9.27 -1.04 -11.42
N ALA A 160 9.71 -1.00 -12.68
CA ALA A 160 10.34 0.19 -13.25
C ALA A 160 9.61 0.58 -14.50
N VAL A 161 9.51 1.89 -14.66
CA VAL A 161 8.99 2.47 -15.86
C VAL A 161 9.95 3.55 -16.35
N PRO A 162 9.87 3.87 -17.66
CA PRO A 162 10.74 4.93 -18.17
C PRO A 162 10.33 6.31 -17.67
N VAL A 163 11.33 7.18 -17.50
CA VAL A 163 11.17 8.61 -17.36
C VAL A 163 11.42 9.20 -18.74
N LEU A 164 10.42 9.89 -19.27
CA LEU A 164 10.47 10.42 -20.63
C LEU A 164 11.02 11.84 -20.64
N ASP A 165 11.69 12.24 -21.74
CA ASP A 165 12.00 13.63 -21.99
C ASP A 165 10.75 14.52 -21.73
N GLY A 166 10.90 15.53 -20.90
CA GLY A 166 9.79 16.42 -20.72
C GLY A 166 8.83 16.01 -19.61
N ASP A 167 9.09 14.90 -18.90
CA ASP A 167 8.27 14.58 -17.75
C ASP A 167 8.31 15.68 -16.69
N THR A 168 7.21 15.82 -15.98
CA THR A 168 7.12 16.55 -14.72
C THR A 168 6.87 15.54 -13.62
N ALA A 169 6.95 15.98 -12.37
CA ALA A 169 6.60 15.11 -11.23
C ALA A 169 5.18 14.50 -11.47
N GLU A 170 4.28 15.29 -12.06
CA GLU A 170 2.90 14.84 -12.22
C GLU A 170 2.80 13.78 -13.30
N THR A 171 3.44 13.98 -14.44
CA THR A 171 3.37 12.97 -15.53
C THR A 171 4.07 11.70 -15.11
N LEU A 172 5.19 11.83 -14.39
CA LEU A 172 5.93 10.68 -13.97
C LEU A 172 5.11 9.94 -12.92
N ALA A 173 4.54 10.69 -11.95
CA ALA A 173 3.76 10.01 -10.90
C ALA A 173 2.67 9.21 -11.58
N ALA A 174 2.01 9.79 -12.56
CA ALA A 174 0.89 9.03 -13.14
C ALA A 174 1.36 7.71 -13.78
N ARG A 175 2.54 7.73 -14.41
CA ARG A 175 3.06 6.48 -15.03
C ARG A 175 3.44 5.43 -13.98
N VAL A 176 4.10 5.89 -12.92
CA VAL A 176 4.51 4.97 -11.84
C VAL A 176 3.24 4.38 -11.22
N LEU A 177 2.21 5.19 -11.12
CA LEU A 177 0.94 4.72 -10.49
C LEU A 177 0.33 3.53 -11.28
N LYS A 178 0.35 3.54 -12.63
CA LYS A 178 -0.06 2.37 -13.43
C LYS A 178 0.74 1.17 -13.06
N ALA A 179 2.03 1.33 -12.89
CA ALA A 179 2.87 0.25 -12.46
C ALA A 179 2.50 -0.25 -11.01
N GLU A 180 2.28 0.66 -10.05
CA GLU A 180 1.83 0.28 -8.72
C GLU A 180 0.55 -0.56 -8.77
N HIS A 181 -0.41 -0.18 -9.61
CA HIS A 181 -1.64 -0.94 -9.76
C HIS A 181 -1.39 -2.39 -10.14
N ARG A 182 -0.35 -2.65 -10.91
CA ARG A 182 0.01 -4.01 -11.42
CA ARG A 182 -0.07 -4.03 -11.35
C ARG A 182 0.91 -4.70 -10.40
N LEU A 183 1.81 -3.91 -9.81
CA LEU A 183 2.80 -4.48 -8.83
C LEU A 183 2.15 -4.95 -7.56
N TYR A 184 1.21 -4.18 -6.97
CA TYR A 184 0.74 -4.61 -5.67
C TYR A 184 0.00 -5.99 -5.75
N PRO A 185 -0.96 -6.15 -6.68
CA PRO A 185 -1.55 -7.46 -6.83
C PRO A 185 -0.56 -8.57 -7.06
N LEU A 186 0.46 -8.35 -7.89
CA LEU A 186 1.44 -9.39 -8.14
C LEU A 186 2.19 -9.78 -6.83
N ALA A 187 2.59 -8.82 -6.03
CA ALA A 187 3.29 -9.07 -4.74
C ALA A 187 2.37 -9.79 -3.79
N LEU A 188 1.09 -9.44 -3.80
CA LEU A 188 0.15 -10.07 -2.87
C LEU A 188 -0.08 -11.53 -3.30
N GLN A 189 -0.19 -11.75 -4.62
CA GLN A 189 -0.35 -13.05 -5.20
C GLN A 189 0.82 -13.95 -4.82
N LYS A 190 2.05 -13.46 -5.00
CA LYS A 190 3.27 -14.21 -4.64
C LYS A 190 3.38 -14.46 -3.13
N PHE A 191 3.04 -13.46 -2.32
CA PHE A 191 3.13 -13.58 -0.87
C PHE A 191 2.13 -14.62 -0.38
N ALA A 192 0.87 -14.49 -0.81
CA ALA A 192 -0.30 -15.26 -0.30
C ALA A 192 -0.28 -16.69 -0.75
N ALA A 193 0.23 -16.95 -1.95
CA ALA A 193 0.16 -18.32 -2.49
C ALA A 193 1.29 -19.14 -1.86
N GLY A 204 11.38 -8.92 -19.34
CA GLY A 204 12.75 -9.18 -19.74
C GLY A 204 13.55 -7.96 -19.26
N MET A 205 13.29 -6.79 -19.85
CA MET A 205 14.06 -5.55 -19.61
C MET A 205 13.35 -4.29 -20.08
N VAL A 206 13.55 -3.19 -19.35
CA VAL A 206 13.10 -1.89 -19.82
C VAL A 206 14.31 -0.99 -20.18
N LEU A 207 14.32 -0.40 -21.36
CA LEU A 207 15.45 0.48 -21.79
C LEU A 207 14.88 1.88 -21.93
N SER A 208 15.59 2.88 -21.42
CA SER A 208 15.07 4.23 -21.54
C SER A 208 16.21 5.16 -21.91
N ALA A 209 16.13 5.86 -23.07
CA ALA A 209 17.28 6.60 -23.59
C ALA A 209 16.78 7.88 -24.21
S SO4 B . -5.18 0.39 -14.25
O1 SO4 B . -4.59 1.31 -15.26
O2 SO4 B . -6.15 1.18 -13.49
O3 SO4 B . -5.87 -0.75 -14.86
O4 SO4 B . -4.09 -0.16 -13.42
S SO4 C . 0.75 11.07 17.70
O1 SO4 C . 2.11 10.45 17.71
O2 SO4 C . 0.71 12.21 16.76
O3 SO4 C . -0.19 10.04 17.23
O4 SO4 C . 0.34 11.42 19.11
S SO4 D . 1.60 -4.34 25.86
O1 SO4 D . 2.50 -4.23 24.72
O2 SO4 D . 2.09 -3.29 26.83
O3 SO4 D . 0.19 -3.99 25.54
O4 SO4 D . 1.67 -5.70 26.44
CL CL E . 6.99 14.08 -6.36
C1 GOL F . -2.74 7.49 -1.96
O1 GOL F . -3.90 7.90 -1.27
C2 GOL F . -3.30 6.34 -2.73
O2 GOL F . -4.47 6.64 -3.46
C3 GOL F . -2.47 6.06 -3.86
O3 GOL F . -3.14 4.83 -3.75
#